data_6KB1
#
_entry.id   6KB1
#
_cell.length_a   44.582
_cell.length_b   61.369
_cell.length_c   52.994
_cell.angle_alpha   90.000
_cell.angle_beta   106.720
_cell.angle_gamma   90.000
#
_symmetry.space_group_name_H-M   'P 1 21 1'
#
loop_
_entity.id
_entity.type
_entity.pdbx_description
1 polymer 'Peroxisome proliferator-activated receptor alpha'
2 non-polymer GLYCEROL
3 non-polymer '2-tetradecylsulfanylethanoic acid'
4 water water
#
_entity_poly.entity_id   1
_entity_poly.type   'polypeptide(L)'
_entity_poly.pdbx_seq_one_letter_code
;GSHMTADLKSLAKRIYEAYLKNFNMNKVKARVILSGKASNNPPFVIHDMETLCMAEKTLVAKLVANGIQNKEAEVRIFHC
CQCTSVETVTELTEFAKAIPGFANLDLNDQVTLLKYGVYEAIFAMLSSVMNKDGMLVAYGNGFITREFLKSLRKPFCDIM
EPKFDFAMKFNALELDDSDISLFVAAIICCGDRPGLLNVGHIEKMQEGIVHVLRLHLQSNHPDDIFLFPKLLQKMADLRQ
LVTEHAQLVQIIKKTESDAALHPLLQEIYRDMY
;
_entity_poly.pdbx_strand_id   A
#
loop_
_chem_comp.id
_chem_comp.type
_chem_comp.name
_chem_comp.formula
GOL non-polymer GLYCEROL 'C3 H8 O3'
T4T non-polymer '2-tetradecylsulfanylethanoic acid' 'C16 H32 O2 S'
#
# COMPACT_ATOMS: atom_id res chain seq x y z
N MET A 4 6.03 -24.80 -13.32
CA MET A 4 4.73 -24.18 -13.11
C MET A 4 3.72 -24.80 -14.09
N THR A 5 2.75 -25.55 -13.54
CA THR A 5 1.72 -26.16 -14.37
C THR A 5 0.89 -25.07 -15.05
N ALA A 6 0.24 -25.45 -16.15
CA ALA A 6 -0.64 -24.52 -16.84
C ALA A 6 -1.59 -23.83 -15.87
N ASP A 7 -2.18 -24.59 -14.93
CA ASP A 7 -3.12 -23.97 -14.01
C ASP A 7 -2.44 -22.94 -13.10
N LEU A 8 -1.25 -23.24 -12.55
CA LEU A 8 -0.62 -22.30 -11.62
C LEU A 8 -0.03 -21.06 -12.32
N LYS A 9 0.57 -21.26 -13.49
CA LYS A 9 1.04 -20.13 -14.28
C LYS A 9 -0.12 -19.24 -14.71
N SER A 10 -1.22 -19.86 -15.12
CA SER A 10 -2.41 -19.11 -15.47
C SER A 10 -2.92 -18.31 -14.28
N LEU A 11 -2.93 -18.90 -13.08
CA LEU A 11 -3.40 -18.20 -11.89
C LEU A 11 -2.55 -16.98 -11.58
N ALA A 12 -1.24 -17.14 -11.68
CA ALA A 12 -0.36 -16.00 -11.49
C ALA A 12 -0.68 -14.89 -12.49
N LYS A 13 -0.98 -15.26 -13.75
CA LYS A 13 -1.29 -14.27 -14.77
C LYS A 13 -2.62 -13.60 -14.48
N ARG A 14 -3.61 -14.35 -14.03
CA ARG A 14 -4.90 -13.79 -13.64
C ARG A 14 -4.72 -12.74 -12.57
N ILE A 15 -3.96 -13.08 -11.54
N ILE A 15 -3.96 -13.07 -11.53
CA ILE A 15 -3.69 -12.17 -10.43
CA ILE A 15 -3.79 -12.10 -10.43
C ILE A 15 -3.04 -10.89 -10.94
C ILE A 15 -3.00 -10.87 -10.89
N TYR A 16 -1.99 -11.05 -11.73
CA TYR A 16 -1.29 -9.91 -12.31
C TYR A 16 -2.23 -9.01 -13.11
N GLU A 17 -3.05 -9.60 -13.96
CA GLU A 17 -3.98 -8.80 -14.76
C GLU A 17 -4.97 -8.08 -13.88
N ALA A 18 -5.44 -8.69 -12.81
CA ALA A 18 -6.37 -8.05 -11.88
C ALA A 18 -5.70 -6.87 -11.18
N TYR A 19 -4.42 -7.03 -10.83
N TYR A 19 -4.40 -6.98 -10.90
CA TYR A 19 -3.66 -5.92 -10.27
CA TYR A 19 -3.67 -5.88 -10.27
C TYR A 19 -3.63 -4.76 -11.24
C TYR A 19 -3.49 -4.72 -11.24
N LEU A 20 -3.17 -5.01 -12.49
CA LEU A 20 -3.07 -3.93 -13.48
C LEU A 20 -4.41 -3.24 -13.70
N LYS A 21 -5.51 -3.98 -13.64
N LYS A 21 -5.52 -3.96 -13.58
CA LYS A 21 -6.81 -3.36 -13.84
CA LYS A 21 -6.83 -3.38 -13.85
C LYS A 21 -7.20 -2.48 -12.66
C LYS A 21 -7.44 -2.65 -12.65
N ASN A 22 -6.98 -2.95 -11.44
CA ASN A 22 -7.62 -2.36 -10.28
C ASN A 22 -6.83 -1.30 -9.55
N PHE A 23 -5.52 -1.22 -9.74
CA PHE A 23 -4.71 -0.19 -9.07
C PHE A 23 -4.40 0.93 -10.05
N ASN A 24 -4.61 2.18 -9.62
CA ASN A 24 -4.38 3.32 -10.52
C ASN A 24 -2.91 3.45 -10.81
N MET A 25 -2.08 3.02 -9.86
CA MET A 25 -0.64 3.14 -9.94
C MET A 25 -0.04 1.76 -10.00
N ASN A 26 0.88 1.58 -10.92
CA ASN A 26 1.64 0.34 -11.00
C ASN A 26 3.10 0.73 -11.11
N LYS A 27 3.99 -0.25 -10.98
CA LYS A 27 5.39 0.11 -10.85
C LYS A 27 5.96 0.64 -12.16
N VAL A 28 5.51 0.11 -13.30
CA VAL A 28 5.94 0.66 -14.58
C VAL A 28 5.47 2.11 -14.74
N LYS A 29 4.18 2.34 -14.47
CA LYS A 29 3.65 3.70 -14.61
C LYS A 29 4.42 4.66 -13.71
N ALA A 30 4.75 4.24 -12.49
CA ALA A 30 5.45 5.10 -11.53
C ALA A 30 6.85 5.39 -12.03
N ARG A 31 7.56 4.35 -12.50
CA ARG A 31 8.91 4.56 -13.01
C ARG A 31 8.93 5.51 -14.21
N VAL A 32 7.93 5.42 -15.10
CA VAL A 32 7.93 6.36 -16.24
C VAL A 32 7.88 7.79 -15.72
N ILE A 33 7.05 8.06 -14.70
CA ILE A 33 6.93 9.40 -14.16
C ILE A 33 8.21 9.80 -13.44
N LEU A 34 8.68 8.94 -12.54
CA LEU A 34 9.86 9.22 -11.74
C LEU A 34 11.09 9.50 -12.60
N SER A 35 11.14 8.96 -13.81
CA SER A 35 12.31 9.14 -14.66
C SER A 35 12.36 10.51 -15.29
N GLY A 36 11.38 11.36 -15.03
CA GLY A 36 11.30 12.61 -15.77
C GLY A 36 11.05 12.39 -17.25
N LYS A 37 10.42 11.27 -17.60
CA LYS A 37 10.19 10.93 -19.00
C LYS A 37 8.84 11.47 -19.46
N SER A 39 6.08 14.16 -22.20
CA SER A 39 5.69 14.58 -20.86
C SER A 39 4.57 15.61 -20.88
N ASN A 40 3.36 15.14 -20.61
CA ASN A 40 2.18 15.97 -20.38
C ASN A 40 1.82 15.79 -18.91
N ASN A 41 1.37 16.85 -18.26
CA ASN A 41 1.14 16.88 -16.82
C ASN A 41 2.27 16.19 -16.03
N PRO A 42 3.50 16.69 -16.13
CA PRO A 42 4.59 16.19 -15.27
C PRO A 42 4.28 16.50 -13.82
N PRO A 43 4.93 15.81 -12.88
CA PRO A 43 4.59 16.00 -11.47
C PRO A 43 5.12 17.31 -10.91
N PHE A 44 4.23 18.02 -10.19
N PHE A 44 4.30 17.93 -10.11
CA PHE A 44 4.62 19.15 -9.34
CA PHE A 44 4.75 19.15 -9.48
C PHE A 44 5.63 18.66 -8.30
C PHE A 44 5.53 18.80 -8.20
N VAL A 45 6.75 19.34 -8.11
CA VAL A 45 7.67 18.98 -7.03
C VAL A 45 7.33 19.78 -5.79
N ILE A 46 7.09 19.10 -4.69
CA ILE A 46 6.75 19.69 -3.41
C ILE A 46 7.93 19.44 -2.51
N HIS A 47 8.72 20.52 -2.26
CA HIS A 47 9.93 20.39 -1.48
C HIS A 47 9.99 21.36 -0.33
N ASP A 48 8.98 22.21 -0.17
CA ASP A 48 8.98 23.23 0.88
C ASP A 48 7.55 23.74 0.99
N MET A 49 7.31 24.70 1.90
N MET A 49 7.35 24.71 1.86
CA MET A 49 5.93 25.14 2.10
CA MET A 49 6.01 25.18 2.13
C MET A 49 5.40 25.91 0.91
C MET A 49 5.42 25.91 0.93
N GLU A 50 6.23 26.74 0.27
CA GLU A 50 5.75 27.44 -0.91
C GLU A 50 5.22 26.47 -1.94
N THR A 51 6.03 25.45 -2.27
CA THR A 51 5.63 24.50 -3.30
C THR A 51 4.51 23.59 -2.86
N LEU A 52 4.41 23.26 -1.57
CA LEU A 52 3.22 22.57 -1.11
C LEU A 52 1.98 23.39 -1.41
N CYS A 53 2.02 24.67 -1.07
CA CYS A 53 0.82 25.49 -1.21
C CYS A 53 0.46 25.72 -2.66
N MET A 54 1.45 25.84 -3.54
CA MET A 54 1.16 25.93 -4.97
C MET A 54 0.54 24.63 -5.48
N ALA A 55 1.12 23.48 -5.11
CA ALA A 55 0.57 22.18 -5.53
C ALA A 55 -0.86 22.03 -5.05
N GLU A 56 -1.15 22.41 -3.80
CA GLU A 56 -2.51 22.27 -3.27
C GLU A 56 -3.51 23.05 -4.09
N LYS A 57 -3.14 24.29 -4.46
CA LYS A 57 -4.07 25.13 -5.21
C LYS A 57 -4.43 24.53 -6.55
N THR A 58 -3.52 23.79 -7.16
CA THR A 58 -3.88 23.14 -8.41
C THR A 58 -4.51 21.77 -8.21
N LEU A 59 -3.99 20.95 -7.29
CA LEU A 59 -4.34 19.54 -7.24
C LEU A 59 -5.40 19.18 -6.22
N VAL A 60 -5.55 19.95 -5.14
CA VAL A 60 -6.55 19.70 -4.12
C VAL A 60 -7.23 21.02 -3.75
N ALA A 61 -7.73 21.73 -4.76
CA ALA A 61 -8.08 23.14 -4.57
C ALA A 61 -9.10 23.33 -3.46
N LYS A 62 -10.08 22.43 -3.36
CA LYS A 62 -11.12 22.55 -2.33
C LYS A 62 -10.53 22.62 -0.93
N LEU A 63 -9.45 21.88 -0.69
CA LEU A 63 -8.89 21.79 0.64
C LEU A 63 -8.25 23.09 1.10
N VAL A 64 -7.92 23.97 0.16
CA VAL A 64 -7.28 25.23 0.54
C VAL A 64 -8.12 26.45 0.13
N ALA A 65 -9.40 26.22 -0.15
CA ALA A 65 -10.29 27.29 -0.58
C ALA A 65 -11.02 27.98 0.58
N ASN A 66 -10.52 27.82 1.80
CA ASN A 66 -11.24 28.26 3.00
C ASN A 66 -10.63 29.51 3.62
N GLY A 67 -9.77 30.21 2.90
CA GLY A 67 -9.20 31.44 3.44
C GLY A 67 -8.37 31.15 4.66
N ILE A 68 -8.56 31.94 5.72
CA ILE A 68 -7.83 31.70 6.97
C ILE A 68 -8.45 30.59 7.81
N GLN A 69 -9.55 29.99 7.34
CA GLN A 69 -10.08 28.78 7.97
C GLN A 69 -9.40 27.51 7.46
N ASN A 70 -8.50 27.62 6.47
CA ASN A 70 -7.73 26.46 6.05
C ASN A 70 -7.02 25.85 7.25
N LYS A 71 -6.90 24.53 7.24
CA LYS A 71 -6.19 23.88 8.33
C LYS A 71 -4.69 24.07 8.16
N GLU A 72 -3.96 23.82 9.26
CA GLU A 72 -2.51 23.85 9.25
C GLU A 72 -1.98 22.92 8.16
N ALA A 73 -0.83 23.27 7.57
CA ALA A 73 -0.26 22.50 6.46
C ALA A 73 -0.14 21.02 6.80
N GLU A 74 0.37 20.71 8.00
CA GLU A 74 0.59 19.32 8.38
C GLU A 74 -0.72 18.56 8.42
N VAL A 75 -1.79 19.21 8.88
CA VAL A 75 -3.11 18.58 8.92
C VAL A 75 -3.67 18.38 7.52
N ARG A 76 -3.50 19.37 6.62
CA ARG A 76 -3.88 19.17 5.24
C ARG A 76 -3.14 17.99 4.62
N ILE A 77 -1.84 17.88 4.89
CA ILE A 77 -1.06 16.79 4.33
C ILE A 77 -1.59 15.47 4.86
N PHE A 78 -1.86 15.41 6.16
CA PHE A 78 -2.39 14.15 6.72
C PHE A 78 -3.77 13.82 6.14
N HIS A 79 -4.59 14.84 5.85
CA HIS A 79 -5.86 14.57 5.23
C HIS A 79 -5.66 13.95 3.86
N CYS A 80 -4.69 14.46 3.09
CA CYS A 80 -4.41 13.89 1.79
C CYS A 80 -3.83 12.49 1.90
N CYS A 81 -3.02 12.21 2.93
CA CYS A 81 -2.61 10.83 3.19
C CYS A 81 -3.81 9.93 3.36
N GLN A 82 -4.76 10.36 4.18
CA GLN A 82 -5.91 9.50 4.42
C GLN A 82 -6.73 9.32 3.16
N CYS A 83 -6.94 10.39 2.37
CA CYS A 83 -7.69 10.19 1.14
C CYS A 83 -7.02 9.18 0.24
N THR A 84 -5.69 9.19 0.20
CA THR A 84 -5.00 8.21 -0.60
C THR A 84 -5.28 6.79 -0.06
N SER A 85 -5.26 6.61 1.27
CA SER A 85 -5.52 5.29 1.81
C SER A 85 -6.93 4.83 1.48
N VAL A 86 -7.92 5.72 1.65
CA VAL A 86 -9.30 5.36 1.33
C VAL A 86 -9.41 4.86 -0.10
N GLU A 87 -8.78 5.57 -1.05
CA GLU A 87 -8.85 5.13 -2.45
C GLU A 87 -8.17 3.80 -2.66
N THR A 88 -7.03 3.59 -1.97
CA THR A 88 -6.33 2.31 -2.13
C THR A 88 -7.12 1.16 -1.51
N VAL A 89 -7.82 1.42 -0.41
CA VAL A 89 -8.72 0.42 0.15
C VAL A 89 -9.78 0.00 -0.86
N THR A 90 -10.38 0.95 -1.57
CA THR A 90 -11.37 0.61 -2.61
C THR A 90 -10.75 -0.27 -3.69
N GLU A 91 -9.52 0.08 -4.14
CA GLU A 91 -8.87 -0.68 -5.17
C GLU A 91 -8.57 -2.09 -4.68
N LEU A 92 -8.09 -2.22 -3.43
CA LEU A 92 -7.75 -3.52 -2.89
C LEU A 92 -8.99 -4.38 -2.75
N THR A 93 -10.12 -3.78 -2.39
CA THR A 93 -11.35 -4.56 -2.26
C THR A 93 -11.76 -5.17 -3.60
N GLU A 94 -11.61 -4.44 -4.70
N GLU A 94 -11.61 -4.42 -4.69
CA GLU A 94 -11.95 -5.04 -5.99
CA GLU A 94 -11.93 -4.97 -6.01
C GLU A 94 -10.90 -6.06 -6.44
C GLU A 94 -10.91 -6.02 -6.45
N PHE A 95 -9.62 -5.75 -6.23
CA PHE A 95 -8.57 -6.71 -6.55
C PHE A 95 -8.81 -8.07 -5.87
N ALA A 96 -9.25 -8.04 -4.60
CA ALA A 96 -9.34 -9.30 -3.83
C ALA A 96 -10.23 -10.37 -4.49
N LYS A 97 -11.15 -9.94 -5.34
CA LYS A 97 -12.03 -10.86 -6.05
C LYS A 97 -11.28 -11.80 -6.98
N ALA A 98 -10.07 -11.46 -7.43
CA ALA A 98 -9.35 -12.28 -8.38
C ALA A 98 -8.65 -13.44 -7.68
N ILE A 99 -8.58 -13.39 -6.35
CA ILE A 99 -7.86 -14.39 -5.57
C ILE A 99 -8.74 -15.64 -5.43
N PRO A 100 -8.28 -16.82 -5.89
CA PRO A 100 -9.08 -18.05 -5.80
C PRO A 100 -9.59 -18.30 -4.40
N GLY A 101 -10.90 -18.38 -4.25
CA GLY A 101 -11.53 -18.72 -3.01
C GLY A 101 -11.96 -17.53 -2.17
N PHE A 102 -11.42 -16.33 -2.45
CA PHE A 102 -11.74 -15.15 -1.64
C PHE A 102 -13.22 -14.80 -1.73
N ALA A 103 -13.77 -14.69 -2.96
CA ALA A 103 -15.18 -14.41 -3.18
C ALA A 103 -16.09 -15.55 -2.74
N ASN A 104 -15.54 -16.74 -2.50
CA ASN A 104 -16.34 -17.83 -1.96
C ASN A 104 -16.37 -17.82 -0.44
N LEU A 105 -15.57 -16.97 0.21
CA LEU A 105 -15.60 -16.90 1.65
C LEU A 105 -16.87 -16.22 2.12
N ASP A 106 -17.24 -16.49 3.37
CA ASP A 106 -18.31 -15.73 3.99
C ASP A 106 -18.00 -14.25 3.94
N LEU A 107 -19.04 -13.45 3.74
CA LEU A 107 -18.88 -12.00 3.65
C LEU A 107 -18.11 -11.43 4.84
N ASN A 108 -18.40 -11.90 6.06
CA ASN A 108 -17.71 -11.36 7.22
C ASN A 108 -16.22 -11.70 7.22
N ASP A 109 -15.84 -12.88 6.71
CA ASP A 109 -14.44 -13.21 6.60
C ASP A 109 -13.74 -12.32 5.59
N GLN A 110 -14.41 -12.06 4.45
CA GLN A 110 -13.83 -11.12 3.48
C GLN A 110 -13.53 -9.77 4.14
N VAL A 111 -14.45 -9.30 4.99
CA VAL A 111 -14.25 -8.02 5.67
C VAL A 111 -13.04 -8.09 6.60
N THR A 112 -12.94 -9.14 7.41
CA THR A 112 -11.83 -9.28 8.32
C THR A 112 -10.50 -9.34 7.60
N LEU A 113 -10.42 -10.08 6.50
CA LEU A 113 -9.16 -10.17 5.79
C LEU A 113 -8.77 -8.80 5.25
N LEU A 114 -9.73 -8.09 4.69
CA LEU A 114 -9.41 -6.76 4.16
C LEU A 114 -9.04 -5.81 5.30
N LYS A 115 -9.73 -5.90 6.43
CA LYS A 115 -9.44 -5.01 7.55
C LYS A 115 -7.97 -5.09 7.97
N TYR A 116 -7.45 -6.32 8.19
CA TYR A 116 -6.08 -6.50 8.64
C TYR A 116 -5.04 -6.45 7.53
N GLY A 117 -5.47 -6.71 6.30
CA GLY A 117 -4.52 -6.75 5.23
C GLY A 117 -4.29 -5.40 4.54
N VAL A 118 -5.31 -4.51 4.51
CA VAL A 118 -5.20 -3.33 3.63
C VAL A 118 -3.96 -2.49 3.91
N TYR A 119 -3.65 -2.21 5.19
CA TYR A 119 -2.50 -1.33 5.43
C TYR A 119 -1.16 -2.03 5.12
N GLU A 120 -1.08 -3.34 5.34
CA GLU A 120 0.13 -4.03 4.95
C GLU A 120 0.32 -3.89 3.46
N ALA A 121 -0.77 -4.16 2.70
CA ALA A 121 -0.71 -4.01 1.25
C ALA A 121 -0.41 -2.58 0.83
N ILE A 122 -1.02 -1.59 1.52
CA ILE A 122 -0.75 -0.20 1.17
C ILE A 122 0.73 0.09 1.27
N PHE A 123 1.36 -0.31 2.39
CA PHE A 123 2.77 0.04 2.56
C PHE A 123 3.68 -0.75 1.63
N ALA A 124 3.29 -1.99 1.31
CA ALA A 124 4.08 -2.72 0.31
C ALA A 124 4.04 -1.99 -1.05
N MET A 125 2.84 -1.64 -1.51
CA MET A 125 2.68 -0.98 -2.81
C MET A 125 3.22 0.43 -2.82
N LEU A 126 3.22 1.11 -1.68
CA LEU A 126 3.78 2.46 -1.64
C LEU A 126 5.23 2.46 -2.08
N SER A 127 5.96 1.38 -1.82
CA SER A 127 7.34 1.30 -2.25
C SER A 127 7.49 1.62 -3.72
N SER A 128 6.51 1.19 -4.53
CA SER A 128 6.62 1.37 -5.97
C SER A 128 6.64 2.83 -6.39
N VAL A 129 6.09 3.73 -5.56
CA VAL A 129 6.07 5.15 -5.87
C VAL A 129 7.13 5.92 -5.11
N MET A 130 8.03 5.24 -4.39
CA MET A 130 9.06 5.86 -3.56
C MET A 130 10.44 5.64 -4.16
N ASN A 131 11.25 6.66 -4.15
CA ASN A 131 12.70 6.50 -4.26
C ASN A 131 13.35 7.15 -3.05
N LYS A 132 14.68 7.13 -3.02
CA LYS A 132 15.35 7.61 -1.80
C LYS A 132 15.13 9.09 -1.54
N ASP A 133 14.64 9.85 -2.53
CA ASP A 133 14.46 11.29 -2.39
C ASP A 133 13.04 11.72 -2.20
N GLY A 134 12.04 10.87 -2.44
CA GLY A 134 10.68 11.33 -2.34
C GLY A 134 9.70 10.33 -2.92
N MET A 135 8.46 10.76 -3.11
CA MET A 135 7.44 9.81 -3.53
C MET A 135 6.38 10.50 -4.39
N LEU A 136 5.76 9.73 -5.26
CA LEU A 136 4.65 10.23 -6.08
C LEU A 136 3.40 10.32 -5.26
N VAL A 137 2.62 11.36 -5.50
CA VAL A 137 1.34 11.57 -4.83
C VAL A 137 0.33 12.09 -5.83
N ALA A 138 -0.93 12.08 -5.40
CA ALA A 138 -1.98 12.74 -6.19
C ALA A 138 -2.07 12.15 -7.59
N TYR A 139 -2.23 10.84 -7.65
CA TYR A 139 -2.43 10.16 -8.94
C TYR A 139 -1.29 10.44 -9.91
N GLY A 140 -0.06 10.49 -9.36
CA GLY A 140 1.11 10.70 -10.16
C GLY A 140 1.42 12.11 -10.54
N ASN A 141 0.66 13.08 -10.03
CA ASN A 141 0.82 14.47 -10.43
C ASN A 141 1.63 15.31 -9.46
N GLY A 142 2.08 14.74 -8.34
CA GLY A 142 3.00 15.43 -7.46
C GLY A 142 4.15 14.51 -7.10
N PHE A 143 5.29 15.12 -6.75
CA PHE A 143 6.41 14.38 -6.16
C PHE A 143 6.77 15.15 -4.90
N ILE A 144 6.56 14.54 -3.74
CA ILE A 144 6.83 15.21 -2.46
C ILE A 144 8.14 14.67 -1.92
N THR A 145 9.03 15.55 -1.48
CA THR A 145 10.34 15.08 -1.08
C THR A 145 10.32 14.47 0.31
N ARG A 146 11.21 13.48 0.46
CA ARG A 146 11.40 12.82 1.74
C ARG A 146 11.86 13.82 2.79
N GLU A 147 12.76 14.72 2.40
CA GLU A 147 13.22 15.75 3.33
C GLU A 147 12.10 16.69 3.74
N PHE A 148 11.20 17.06 2.82
CA PHE A 148 10.11 17.93 3.23
C PHE A 148 9.22 17.24 4.25
N LEU A 149 8.92 15.97 4.01
CA LEU A 149 8.09 15.26 4.99
C LEU A 149 8.78 15.19 6.35
N LYS A 150 10.10 14.97 6.38
CA LYS A 150 10.85 14.97 7.63
C LYS A 150 10.85 16.33 8.31
N SER A 151 10.60 17.40 7.59
CA SER A 151 10.69 18.73 8.14
C SER A 151 9.41 19.16 8.85
N LEU A 152 8.30 18.42 8.69
CA LEU A 152 7.03 18.80 9.26
C LEU A 152 7.12 18.81 10.77
N ARG A 153 6.22 19.54 11.41
CA ARG A 153 6.25 19.50 12.87
C ARG A 153 5.84 18.12 13.38
N LYS A 154 6.39 17.76 14.53
CA LYS A 154 5.98 16.52 15.19
C LYS A 154 4.50 16.60 15.53
N PRO A 155 3.74 15.51 15.41
CA PRO A 155 4.16 14.14 15.09
C PRO A 155 4.12 13.80 13.59
N PHE A 156 3.74 14.76 12.76
CA PHE A 156 3.49 14.48 11.36
C PHE A 156 4.75 14.11 10.59
N CYS A 157 5.91 14.60 10.99
CA CYS A 157 7.16 14.18 10.39
C CYS A 157 7.51 12.74 10.65
N ASP A 158 6.80 12.08 11.55
CA ASP A 158 7.13 10.71 11.90
C ASP A 158 6.33 9.70 11.10
N ILE A 159 5.38 10.14 10.27
CA ILE A 159 4.52 9.22 9.52
C ILE A 159 5.29 8.51 8.42
N MET A 160 5.97 9.25 7.54
N MET A 160 5.94 9.26 7.53
CA MET A 160 6.40 8.63 6.30
CA MET A 160 6.39 8.63 6.30
C MET A 160 7.78 8.02 6.34
C MET A 160 7.74 7.96 6.41
N GLU A 161 8.65 8.51 7.22
CA GLU A 161 10.02 8.01 7.21
C GLU A 161 10.14 6.50 7.37
N PRO A 162 9.43 5.85 8.30
CA PRO A 162 9.57 4.39 8.40
C PRO A 162 9.09 3.67 7.14
N LYS A 163 8.17 4.27 6.40
N LYS A 163 8.16 4.28 6.40
CA LYS A 163 7.72 3.67 5.15
CA LYS A 163 7.70 3.70 5.15
C LYS A 163 8.76 3.83 4.05
C LYS A 163 8.77 3.82 4.06
N PHE A 164 9.47 4.97 4.02
CA PHE A 164 10.63 5.05 3.14
C PHE A 164 11.66 3.99 3.51
N ASP A 165 11.94 3.80 4.80
CA ASP A 165 12.96 2.84 5.20
C ASP A 165 12.57 1.44 4.74
N PHE A 166 11.30 1.08 4.91
CA PHE A 166 10.84 -0.20 4.41
C PHE A 166 11.03 -0.27 2.90
N ALA A 167 10.62 0.78 2.21
CA ALA A 167 10.58 0.78 0.75
C ALA A 167 11.98 0.71 0.15
N MET A 168 12.99 1.30 0.78
CA MET A 168 14.27 1.27 0.11
C MET A 168 14.77 -0.17 0.05
N LYS A 169 14.60 -0.90 1.13
CA LYS A 169 15.02 -2.29 1.14
C LYS A 169 14.13 -3.14 0.26
N PHE A 170 12.81 -2.89 0.30
CA PHE A 170 11.90 -3.67 -0.51
C PHE A 170 12.20 -3.47 -1.99
N ASN A 171 12.45 -2.22 -2.39
CA ASN A 171 12.76 -1.95 -3.78
C ASN A 171 14.08 -2.57 -4.23
N ALA A 172 15.01 -2.79 -3.30
CA ALA A 172 16.27 -3.41 -3.67
C ALA A 172 16.09 -4.87 -4.07
N LEU A 173 14.97 -5.49 -3.74
CA LEU A 173 14.64 -6.83 -4.21
C LEU A 173 14.31 -6.83 -5.69
N GLU A 174 14.04 -5.69 -6.28
CA GLU A 174 13.78 -5.56 -7.72
C GLU A 174 12.61 -6.45 -8.16
N LEU A 175 11.54 -6.44 -7.39
CA LEU A 175 10.30 -7.06 -7.81
C LEU A 175 9.69 -6.28 -8.95
N ASP A 176 8.91 -6.97 -9.80
CA ASP A 176 8.07 -6.30 -10.78
C ASP A 176 6.61 -6.50 -10.37
N ASP A 177 5.65 -5.97 -11.14
N ASP A 177 5.74 -5.94 -11.21
CA ASP A 177 4.27 -6.09 -10.66
CA ASP A 177 4.32 -5.96 -10.97
C ASP A 177 3.74 -7.50 -10.80
C ASP A 177 3.78 -7.38 -10.89
N SER A 178 4.34 -8.33 -11.66
CA SER A 178 3.90 -9.73 -11.64
C SER A 178 4.19 -10.36 -10.28
N ASP A 179 5.30 -9.94 -9.64
CA ASP A 179 5.62 -10.44 -8.30
C ASP A 179 4.75 -9.73 -7.25
N ILE A 180 4.66 -8.40 -7.37
CA ILE A 180 3.98 -7.62 -6.34
C ILE A 180 2.51 -7.97 -6.26
N SER A 181 1.89 -8.25 -7.42
CA SER A 181 0.47 -8.61 -7.42
C SER A 181 0.24 -9.87 -6.55
N LEU A 182 1.11 -10.86 -6.71
CA LEU A 182 0.97 -12.11 -5.95
C LEU A 182 1.33 -11.90 -4.48
N PHE A 183 2.27 -10.99 -4.20
CA PHE A 183 2.63 -10.69 -2.81
C PHE A 183 1.47 -10.01 -2.10
N VAL A 184 0.80 -9.06 -2.79
CA VAL A 184 -0.37 -8.41 -2.21
C VAL A 184 -1.49 -9.41 -2.00
N ALA A 185 -1.72 -10.31 -2.98
CA ALA A 185 -2.73 -11.35 -2.77
C ALA A 185 -2.42 -12.21 -1.56
N ALA A 186 -1.14 -12.55 -1.36
CA ALA A 186 -0.74 -13.36 -0.19
C ALA A 186 -0.96 -12.61 1.11
N ILE A 187 -0.70 -11.29 1.11
CA ILE A 187 -0.97 -10.48 2.31
C ILE A 187 -2.43 -10.57 2.70
N ILE A 188 -3.31 -10.42 1.71
CA ILE A 188 -4.73 -10.47 1.98
C ILE A 188 -5.15 -11.83 2.54
N CYS A 189 -4.48 -12.93 2.12
CA CYS A 189 -4.82 -14.32 2.55
C CYS A 189 -3.95 -14.77 3.72
N CYS A 190 -4.17 -14.18 4.88
CA CYS A 190 -3.51 -14.64 6.09
C CYS A 190 -4.58 -15.31 6.95
N GLY A 191 -4.35 -16.59 7.26
CA GLY A 191 -5.33 -17.27 8.08
C GLY A 191 -5.22 -16.99 9.57
N ASP A 192 -4.22 -16.22 10.00
CA ASP A 192 -4.06 -15.96 11.43
C ASP A 192 -4.63 -14.60 11.85
N ARG A 193 -5.42 -13.98 10.99
CA ARG A 193 -6.03 -12.72 11.40
C ARG A 193 -7.03 -12.98 12.52
N PRO A 194 -7.15 -12.05 13.47
CA PRO A 194 -8.11 -12.24 14.57
C PRO A 194 -9.54 -12.22 14.05
N GLY A 195 -10.37 -13.14 14.54
CA GLY A 195 -11.80 -13.08 14.33
C GLY A 195 -12.36 -13.83 13.13
N LEU A 196 -11.55 -14.61 12.42
CA LEU A 196 -12.03 -15.30 11.23
C LEU A 196 -12.99 -16.43 11.61
N LEU A 197 -14.01 -16.65 10.78
CA LEU A 197 -15.01 -17.69 11.04
C LEU A 197 -14.60 -19.04 10.47
N ASN A 198 -13.96 -19.06 9.32
N ASN A 198 -13.96 -19.06 9.31
CA ASN A 198 -13.58 -20.31 8.67
CA ASN A 198 -13.59 -20.29 8.59
C ASN A 198 -12.07 -20.30 8.41
C ASN A 198 -12.06 -20.31 8.40
N VAL A 199 -11.32 -20.46 9.50
CA VAL A 199 -9.86 -20.42 9.41
C VAL A 199 -9.34 -21.45 8.43
N GLY A 200 -9.90 -22.68 8.48
CA GLY A 200 -9.32 -23.73 7.66
C GLY A 200 -9.41 -23.43 6.17
N HIS A 201 -10.54 -22.94 5.72
CA HIS A 201 -10.68 -22.57 4.31
C HIS A 201 -9.76 -21.43 3.94
N ILE A 202 -9.59 -20.46 4.83
CA ILE A 202 -8.67 -19.36 4.56
C ILE A 202 -7.24 -19.88 4.50
N GLU A 203 -6.87 -20.79 5.40
CA GLU A 203 -5.54 -21.35 5.34
C GLU A 203 -5.29 -22.07 4.02
N LYS A 204 -6.29 -22.79 3.51
N LYS A 204 -6.29 -22.79 3.51
CA LYS A 204 -6.09 -23.45 2.22
CA LYS A 204 -6.11 -23.45 2.22
C LYS A 204 -6.00 -22.44 1.08
C LYS A 204 -6.00 -22.44 1.09
N MET A 205 -6.82 -21.37 1.16
CA MET A 205 -6.72 -20.32 0.16
C MET A 205 -5.34 -19.67 0.20
N GLN A 206 -4.84 -19.40 1.40
CA GLN A 206 -3.49 -18.88 1.58
C GLN A 206 -2.46 -19.80 0.98
N GLU A 207 -2.53 -21.09 1.34
N GLU A 207 -2.53 -21.09 1.32
CA GLU A 207 -1.55 -22.05 0.81
CA GLU A 207 -1.52 -22.03 0.82
C GLU A 207 -1.52 -22.02 -0.71
C GLU A 207 -1.51 -22.04 -0.71
N GLY A 208 -2.69 -21.95 -1.34
CA GLY A 208 -2.73 -21.94 -2.78
C GLY A 208 -2.04 -20.71 -3.40
N ILE A 209 -2.34 -19.52 -2.86
N ILE A 209 -2.36 -19.52 -2.87
CA ILE A 209 -1.70 -18.34 -3.43
CA ILE A 209 -1.74 -18.28 -3.37
C ILE A 209 -0.22 -18.29 -3.12
C ILE A 209 -0.24 -18.28 -3.10
N VAL A 210 0.17 -18.72 -1.91
CA VAL A 210 1.59 -18.73 -1.57
C VAL A 210 2.34 -19.73 -2.45
N HIS A 211 1.72 -20.86 -2.78
CA HIS A 211 2.34 -21.79 -3.71
C HIS A 211 2.56 -21.13 -5.07
N VAL A 212 1.54 -20.43 -5.59
CA VAL A 212 1.67 -19.72 -6.86
C VAL A 212 2.79 -18.69 -6.76
N LEU A 213 2.86 -17.94 -5.65
CA LEU A 213 3.93 -16.97 -5.43
C LEU A 213 5.31 -17.63 -5.45
N ARG A 214 5.47 -18.73 -4.71
N ARG A 214 5.46 -18.73 -4.70
CA ARG A 214 6.76 -19.42 -4.66
CA ARG A 214 6.74 -19.43 -4.65
C ARG A 214 7.20 -19.85 -6.04
C ARG A 214 7.20 -19.86 -6.03
N LEU A 215 6.32 -20.50 -6.79
CA LEU A 215 6.69 -20.95 -8.15
C LEU A 215 6.99 -19.78 -9.07
N HIS A 216 6.21 -18.70 -8.95
CA HIS A 216 6.43 -17.53 -9.80
C HIS A 216 7.79 -16.90 -9.51
N LEU A 217 8.16 -16.79 -8.22
CA LEU A 217 9.45 -16.18 -7.89
C LEU A 217 10.60 -17.04 -8.37
N GLN A 218 10.43 -18.37 -8.29
CA GLN A 218 11.45 -19.28 -8.77
C GLN A 218 11.68 -19.07 -10.26
N SER A 219 10.61 -18.87 -11.03
N SER A 219 10.61 -18.85 -11.01
CA SER A 219 10.73 -18.65 -12.47
CA SER A 219 10.63 -18.66 -12.46
C SER A 219 11.24 -17.25 -12.80
C SER A 219 11.13 -17.27 -12.86
N ASN A 220 10.67 -16.22 -12.15
CA ASN A 220 10.93 -14.85 -12.55
C ASN A 220 12.23 -14.31 -11.96
N HIS A 221 12.73 -14.92 -10.87
CA HIS A 221 13.94 -14.46 -10.20
C HIS A 221 14.89 -15.64 -9.99
N PRO A 222 15.40 -16.22 -11.08
CA PRO A 222 16.30 -17.37 -10.93
C PRO A 222 17.59 -17.02 -10.24
N ASP A 223 17.94 -15.75 -10.14
CA ASP A 223 19.18 -15.31 -9.55
C ASP A 223 19.15 -15.22 -8.03
N ASP A 224 17.98 -15.28 -7.39
CA ASP A 224 17.87 -15.01 -5.96
C ASP A 224 17.14 -16.19 -5.33
N ILE A 225 17.93 -17.17 -4.86
CA ILE A 225 17.32 -18.40 -4.35
C ILE A 225 16.60 -18.21 -3.02
N PHE A 226 16.84 -17.08 -2.34
N PHE A 226 16.83 -17.10 -2.31
CA PHE A 226 16.22 -16.77 -1.07
CA PHE A 226 16.11 -16.84 -1.08
C PHE A 226 14.98 -15.89 -1.22
C PHE A 226 15.08 -15.72 -1.25
N LEU A 227 14.60 -15.49 -2.46
CA LEU A 227 13.58 -14.44 -2.60
C LEU A 227 12.28 -14.78 -1.88
N PHE A 228 11.81 -16.02 -1.98
CA PHE A 228 10.57 -16.37 -1.30
C PHE A 228 10.68 -16.16 0.22
N PRO A 229 11.66 -16.73 0.93
CA PRO A 229 11.72 -16.45 2.37
C PRO A 229 11.97 -14.96 2.68
N LYS A 230 12.68 -14.24 1.83
CA LYS A 230 12.81 -12.80 2.03
C LYS A 230 11.42 -12.17 2.06
N LEU A 231 10.53 -12.56 1.14
CA LEU A 231 9.20 -11.97 1.08
C LEU A 231 8.34 -12.41 2.24
N LEU A 232 8.47 -13.67 2.68
CA LEU A 232 7.76 -14.03 3.90
C LEU A 232 8.18 -13.13 5.05
N GLN A 233 9.48 -12.84 5.19
CA GLN A 233 9.91 -11.92 6.22
C GLN A 233 9.36 -10.52 6.01
N LYS A 234 9.32 -10.05 4.75
CA LYS A 234 8.72 -8.74 4.51
C LYS A 234 7.29 -8.67 4.97
N MET A 235 6.54 -9.78 4.85
CA MET A 235 5.17 -9.74 5.32
C MET A 235 5.12 -9.55 6.83
N ALA A 236 6.00 -10.22 7.56
CA ALA A 236 6.07 -10.01 9.00
C ALA A 236 6.51 -8.58 9.31
N ASP A 237 7.48 -8.08 8.59
CA ASP A 237 7.91 -6.71 8.84
C ASP A 237 6.76 -5.73 8.60
N LEU A 238 5.93 -5.98 7.58
CA LEU A 238 4.78 -5.10 7.32
C LEU A 238 3.80 -5.13 8.46
N ARG A 239 3.50 -6.32 8.98
N ARG A 239 3.64 -6.28 9.14
CA ARG A 239 2.57 -6.37 10.09
CA ARG A 239 2.76 -6.29 10.32
C ARG A 239 3.07 -5.47 11.22
C ARG A 239 3.26 -5.33 11.39
N GLN A 240 4.39 -5.50 11.49
N GLN A 240 4.57 -5.38 11.69
CA GLN A 240 4.94 -4.66 12.55
CA GLN A 240 5.12 -4.49 12.70
C GLN A 240 4.85 -3.18 12.19
C GLN A 240 5.01 -3.06 12.24
N LEU A 241 5.19 -2.82 10.93
CA LEU A 241 5.10 -1.45 10.45
C LEU A 241 3.68 -0.91 10.64
N VAL A 242 2.68 -1.76 10.40
CA VAL A 242 1.30 -1.33 10.54
C VAL A 242 0.94 -1.13 12.01
N THR A 243 1.38 -2.03 12.87
CA THR A 243 1.10 -1.86 14.29
C THR A 243 1.65 -0.54 14.77
N GLU A 244 2.89 -0.23 14.36
CA GLU A 244 3.50 1.03 14.75
C GLU A 244 2.77 2.22 14.13
N HIS A 245 2.35 2.09 12.86
CA HIS A 245 1.62 3.17 12.22
C HIS A 245 0.31 3.44 12.95
N ALA A 246 -0.40 2.39 13.31
CA ALA A 246 -1.66 2.58 14.04
C ALA A 246 -1.43 3.27 15.38
N GLN A 247 -0.30 2.97 16.05
CA GLN A 247 0.01 3.65 17.31
C GLN A 247 0.20 5.14 17.09
N LEU A 248 0.93 5.53 16.03
CA LEU A 248 1.11 6.94 15.71
C LEU A 248 -0.22 7.61 15.37
N VAL A 249 -1.05 6.94 14.58
CA VAL A 249 -2.36 7.51 14.24
C VAL A 249 -3.18 7.76 15.51
N GLN A 250 -3.11 6.85 16.49
CA GLN A 250 -3.81 7.05 17.75
C GLN A 250 -3.26 8.27 18.50
N ILE A 251 -1.95 8.48 18.46
CA ILE A 251 -1.38 9.70 19.05
C ILE A 251 -1.96 10.92 18.36
N ILE A 252 -2.00 10.91 17.02
CA ILE A 252 -2.55 12.05 16.29
C ILE A 252 -4.00 12.27 16.68
N LYS A 253 -4.77 11.18 16.74
CA LYS A 253 -6.18 11.31 17.10
C LYS A 253 -6.34 11.93 18.48
N LYS A 254 -5.51 11.56 19.44
CA LYS A 254 -5.65 12.05 20.81
C LYS A 254 -5.17 13.48 20.97
N THR A 255 -4.15 13.90 20.22
CA THR A 255 -3.45 15.14 20.51
C THR A 255 -3.62 16.20 19.43
N GLU A 256 -4.20 15.86 18.27
CA GLU A 256 -4.36 16.78 17.14
C GLU A 256 -5.84 16.89 16.77
N SER A 257 -6.53 17.82 17.42
CA SER A 257 -7.99 17.93 17.26
C SER A 257 -8.42 18.22 15.83
N ASP A 258 -7.59 18.91 15.04
CA ASP A 258 -7.97 19.27 13.67
C ASP A 258 -7.78 18.16 12.66
N ALA A 259 -7.11 17.06 13.04
CA ALA A 259 -6.77 16.00 12.10
C ALA A 259 -7.85 14.91 12.13
N ALA A 260 -9.00 15.26 11.54
CA ALA A 260 -10.15 14.36 11.56
C ALA A 260 -9.83 13.09 10.80
N LEU A 261 -10.15 11.94 11.41
CA LEU A 261 -10.00 10.63 10.76
C LEU A 261 -11.21 10.30 9.92
N HIS A 262 -10.96 9.90 8.68
CA HIS A 262 -12.03 9.43 7.82
C HIS A 262 -12.72 8.22 8.44
N PRO A 263 -14.06 8.16 8.38
CA PRO A 263 -14.77 7.06 9.06
C PRO A 263 -14.40 5.67 8.58
N LEU A 264 -14.08 5.48 7.28
CA LEU A 264 -13.70 4.16 6.82
C LEU A 264 -12.39 3.72 7.48
N LEU A 265 -11.45 4.67 7.63
CA LEU A 265 -10.17 4.32 8.20
C LEU A 265 -10.32 4.11 9.70
N GLN A 266 -11.16 4.90 10.36
CA GLN A 266 -11.42 4.67 11.78
C GLN A 266 -11.95 3.25 12.00
N GLU A 267 -12.83 2.77 11.12
CA GLU A 267 -13.34 1.40 11.28
C GLU A 267 -12.24 0.38 11.05
N ILE A 268 -11.35 0.61 10.07
CA ILE A 268 -10.25 -0.32 9.88
C ILE A 268 -9.40 -0.40 11.12
N TYR A 269 -9.11 0.76 11.75
CA TYR A 269 -8.24 0.78 12.91
C TYR A 269 -8.90 0.23 14.16
N ARG A 270 -10.22 0.23 14.22
CA ARG A 270 -10.93 -0.09 15.46
C ARG A 270 -10.75 -1.56 15.82
N ASP A 271 -10.23 -1.82 17.02
CA ASP A 271 -10.00 -3.19 17.50
C ASP A 271 -9.03 -3.95 16.62
N MET A 272 -8.16 -3.23 15.91
CA MET A 272 -7.20 -3.92 15.05
C MET A 272 -6.08 -4.53 15.88
N TYR A 273 -5.31 -3.70 16.58
CA TYR A 273 -4.19 -4.17 17.38
C TYR A 273 -4.23 -3.62 18.81
C1 GOL B . 11.00 3.55 -7.83
O1 GOL B . 11.97 4.02 -6.94
C2 GOL B . 10.57 2.16 -7.42
O2 GOL B . 9.57 1.77 -8.32
C3 GOL B . 11.74 1.16 -7.44
O3 GOL B . 12.46 1.23 -8.65
H11 GOL B . 10.22 4.14 -7.82
H12 GOL B . 11.37 3.52 -8.73
HO1 GOL B . 12.52 3.41 -6.78
H2 GOL B . 10.21 2.20 -6.52
HO2 GOL B . 9.76 2.05 -9.09
H31 GOL B . 12.34 1.36 -6.71
H32 GOL B . 11.39 0.27 -7.34
HO3 GOL B . 13.21 0.85 -8.57
C04 T4T C . 0.00 10.01 0.53
C05 T4T C . 0.94 11.18 0.86
C06 T4T C . 0.73 8.68 0.47
C07 T4T C . 0.30 12.42 0.23
C08 T4T C . 0.36 7.71 1.56
C09 T4T C . 0.77 13.87 0.60
C10 T4T C . 0.34 8.30 2.96
C11 T4T C . 0.49 14.75 -0.65
C12 T4T C . 0.49 7.12 3.92
C13 T4T C . 0.08 16.24 -0.60
C14 T4T C . -0.91 6.64 4.32
C15 T4T C . -0.44 16.57 -2.00
C16 T4T C . -0.81 6.42 5.82
C17 T4T C . -0.87 18.01 -2.27
C18 T4T C . -2.94 8.10 6.71
C19 T4T C . -3.55 6.77 7.07
O02 T4T C . -3.29 6.25 8.17
O03 T4T C . -4.34 6.24 6.25
S01 T4T C . -1.14 7.95 6.70
H042 T4T C . -0.41 10.18 -0.32
H041 T4T C . -0.69 9.97 1.21
H052 T4T C . 1.01 11.30 1.82
H051 T4T C . 1.82 11.02 0.48
H061 T4T C . 1.69 8.84 0.52
H062 T4T C . 0.53 8.25 -0.38
H071 T4T C . -0.64 12.38 0.40
H072 T4T C . 0.43 12.34 -0.74
H082 T4T C . 1.00 6.98 1.55
H081 T4T C . -0.52 7.35 1.38
H092 T4T C . 0.26 14.19 1.37
H091 T4T C . 1.72 13.87 0.82
H101 T4T C . -0.51 8.74 3.11
H102 T4T C . 1.07 8.92 3.07
H112 T4T C . -0.20 14.29 -1.14
H111 T4T C . 1.29 14.71 -1.18
H122 T4T C . 0.97 7.40 4.70
H121 T4T C . 0.96 6.40 3.48
H132 T4T C . -0.64 16.38 0.06
H131 T4T C . 0.84 16.79 -0.38
H142 T4T C . -1.12 5.81 3.87
H141 T4T C . -1.57 7.32 4.12
H152 T4T C . -1.20 15.99 -2.19
H151 T4T C . 0.26 16.34 -2.64
H161 T4T C . -1.46 5.74 6.08
H162 T4T C . 0.08 6.10 6.03
H171 T4T C . -1.64 18.23 -1.71
H172 T4T C . -1.10 18.12 -3.20
H173 T4T C . -0.14 18.61 -2.05
H182 T4T C . -3.25 8.38 5.83
H181 T4T C . -3.20 8.76 7.37
#